data_6L0U
#
_entry.id   6L0U
#
_cell.length_a   41.785
_cell.length_b   64.635
_cell.length_c   65.794
_cell.angle_alpha   90.000
_cell.angle_beta   101.580
_cell.angle_gamma   90.000
#
_symmetry.space_group_name_H-M   'P 1 21 1'
#
loop_
_entity.id
_entity.type
_entity.pdbx_description
1 polymer 'Lactoylglutathione lyase'
2 non-polymer 'ZINC ION'
3 non-polymer N-[4-(trifluoromethyloxy)phenyl]-1,3,4,9-tetrahydropyrido[3,4-b]indole-2-carbothioamide
4 water water
#
_entity_poly.entity_id   1
_entity_poly.type   'polypeptide(L)'
_entity_poly.pdbx_seq_one_letter_code
;PASSGLTDETAFSCCSDPDPSTKDFLLQQTMLRIKDPKKSLDFYTRVLGLTLLQKLDFPAMKFSLYFLAYEDKNDIPKDK
SEKTAWTFSRKATLELTHNWGTEDDETQSYHNGNSDPRGFGHIGIAVPDVYSACKRFEELGVKFVKKPDDGKMKGLAFIQ
DPDGYWIEILNPNKIATII
;
_entity_poly.pdbx_strand_id   A,B
#
loop_
_chem_comp.id
_chem_comp.type
_chem_comp.name
_chem_comp.formula
E1L non-polymer N-[4-(trifluoromethyloxy)phenyl]-1,3,4,9-tetrahydropyrido[3,4-b]indole-2-carbothioamide 'C19 H16 F3 N3 O S'
ZN non-polymer 'ZINC ION' 'Zn 2'
#
# COMPACT_ATOMS: atom_id res chain seq x y z
N PRO A 1 2.85 19.06 28.40
CA PRO A 1 2.64 19.97 27.27
C PRO A 1 2.11 19.23 26.03
N ALA A 2 1.65 19.97 25.03
CA ALA A 2 1.06 19.38 23.82
C ALA A 2 2.09 19.04 22.74
N SER A 3 1.69 18.19 21.80
CA SER A 3 2.57 17.56 20.82
C SER A 3 3.57 18.49 20.11
N SER A 4 4.71 17.90 19.72
CA SER A 4 5.75 18.57 18.94
C SER A 4 6.42 17.47 18.13
N GLY A 5 5.75 16.32 18.10
CA GLY A 5 6.23 15.14 17.40
C GLY A 5 7.26 14.47 18.26
N LEU A 6 7.54 13.21 17.98
CA LEU A 6 8.59 12.49 18.69
C LEU A 6 9.97 12.93 18.21
N THR A 7 10.92 13.03 19.14
CA THR A 7 12.31 13.21 18.76
C THR A 7 12.75 11.90 18.13
N ASP A 8 13.89 11.92 17.43
CA ASP A 8 14.45 10.69 16.89
C ASP A 8 14.65 9.68 18.00
N GLU A 9 15.07 10.17 19.17
CA GLU A 9 15.39 9.29 20.30
C GLU A 9 14.17 8.50 20.75
N THR A 10 13.06 9.21 20.99
CA THR A 10 11.82 8.56 21.39
C THR A 10 11.35 7.60 20.30
N ALA A 11 11.39 8.08 19.05
CA ALA A 11 10.95 7.30 17.90
C ALA A 11 11.76 6.01 17.77
N PHE A 12 13.08 6.18 17.74
CA PHE A 12 14.00 5.06 17.54
C PHE A 12 13.90 4.05 18.69
N SER A 13 13.56 4.54 19.88
CA SER A 13 13.45 3.66 21.07
C SER A 13 12.20 2.78 21.04
N CYS A 14 11.22 3.17 20.22
CA CYS A 14 10.00 2.37 20.04
C CYS A 14 10.18 1.27 19.01
N CYS A 15 11.38 1.19 18.43
CA CYS A 15 11.63 0.24 17.36
C CYS A 15 12.32 -1.02 17.85
N SER A 16 11.71 -2.17 17.54
CA SER A 16 12.28 -3.46 17.85
C SER A 16 12.98 -4.08 16.63
N ASP A 17 14.02 -4.87 16.89
CA ASP A 17 14.61 -5.73 15.88
C ASP A 17 13.57 -6.78 15.49
N PRO A 18 13.61 -7.21 14.22
CA PRO A 18 12.63 -8.22 13.80
C PRO A 18 12.85 -9.53 14.57
N ASP A 19 11.77 -10.16 14.97
CA ASP A 19 11.79 -11.48 15.58
C ASP A 19 12.06 -12.46 14.45
N PRO A 20 12.90 -13.48 14.70
CA PRO A 20 13.24 -14.45 13.63
C PRO A 20 12.03 -15.08 12.96
N SER A 21 10.91 -15.21 13.66
CA SER A 21 9.72 -15.77 13.02
C SER A 21 9.15 -14.88 11.90
N THR A 22 9.54 -13.61 11.89
CA THR A 22 9.01 -12.63 10.94
C THR A 22 9.96 -12.40 9.76
N LYS A 23 11.08 -13.14 9.79
CA LYS A 23 12.18 -12.94 8.86
C LYS A 23 11.80 -13.16 7.39
N ASP A 24 10.85 -14.06 7.13
CA ASP A 24 10.43 -14.28 5.76
C ASP A 24 9.11 -13.59 5.39
N PHE A 25 8.62 -12.70 6.25
CA PHE A 25 7.42 -11.90 5.95
C PHE A 25 7.72 -10.92 4.83
N LEU A 26 6.74 -10.65 3.98
CA LEU A 26 6.89 -9.57 3.03
C LEU A 26 5.60 -8.78 2.88
N LEU A 27 5.74 -7.52 2.50
CA LEU A 27 4.60 -6.64 2.38
C LEU A 27 4.12 -6.89 0.96
N GLN A 28 3.05 -7.67 0.83
CA GLN A 28 2.70 -8.24 -0.48
C GLN A 28 1.70 -7.41 -1.27
N GLN A 29 0.84 -6.67 -0.57
CA GLN A 29 -0.24 -5.98 -1.28
C GLN A 29 -0.82 -4.82 -0.53
N THR A 30 -1.40 -3.90 -1.31
CA THR A 30 -2.30 -2.87 -0.83
C THR A 30 -3.59 -3.04 -1.62
N MET A 31 -4.73 -3.17 -0.94
CA MET A 31 -6.01 -3.38 -1.59
C MET A 31 -6.81 -2.10 -1.66
N LEU A 32 -7.31 -1.79 -2.85
CA LEU A 32 -8.18 -0.65 -3.10
C LEU A 32 -9.38 -1.15 -3.87
N ARG A 33 -10.56 -0.66 -3.51
CA ARG A 33 -11.76 -1.01 -4.25
C ARG A 33 -11.83 -0.11 -5.48
N ILE A 34 -12.18 -0.70 -6.62
CA ILE A 34 -12.27 0.07 -7.86
C ILE A 34 -13.65 -0.06 -8.50
N LYS A 35 -14.16 1.06 -8.98
CA LYS A 35 -15.49 1.11 -9.59
C LYS A 35 -15.56 0.39 -10.94
N ASP A 36 -14.54 0.58 -11.78
CA ASP A 36 -14.59 0.04 -13.13
C ASP A 36 -13.22 -0.45 -13.56
N PRO A 37 -13.04 -1.79 -13.63
CA PRO A 37 -11.73 -2.37 -13.96
C PRO A 37 -11.24 -1.99 -15.35
N LYS A 38 -12.14 -1.58 -16.25
CA LYS A 38 -11.72 -1.21 -17.60
C LYS A 38 -10.91 0.08 -17.49
N LYS A 39 -11.45 1.07 -16.81
CA LYS A 39 -10.71 2.31 -16.59
C LYS A 39 -9.43 2.09 -15.77
N SER A 40 -9.53 1.28 -14.70
CA SER A 40 -8.41 1.11 -13.80
C SER A 40 -7.28 0.35 -14.45
N LEU A 41 -7.61 -0.74 -15.14
CA LEU A 41 -6.58 -1.52 -15.83
C LEU A 41 -5.86 -0.69 -16.91
N ASP A 42 -6.62 0.08 -17.67
CA ASP A 42 -6.01 0.95 -18.68
C ASP A 42 -5.06 1.96 -18.02
N PHE A 43 -5.54 2.58 -16.94
CA PHE A 43 -4.71 3.55 -16.21
C PHE A 43 -3.44 2.95 -15.64
N TYR A 44 -3.56 1.87 -14.87
CA TYR A 44 -2.40 1.33 -14.19
C TYR A 44 -1.38 0.69 -15.14
N THR A 45 -1.85 0.06 -16.22
CA THR A 45 -0.95 -0.53 -17.21
C THR A 45 -0.37 0.50 -18.19
N ARG A 46 -1.23 1.28 -18.84
CA ARG A 46 -0.80 2.16 -19.92
C ARG A 46 -0.16 3.44 -19.39
N VAL A 47 -0.78 4.07 -18.42
CA VAL A 47 -0.20 5.29 -17.86
C VAL A 47 1.01 5.03 -16.95
N LEU A 48 0.84 4.12 -16.00
CA LEU A 48 1.85 3.87 -14.97
C LEU A 48 2.82 2.74 -15.29
N GLY A 49 2.50 1.89 -16.26
CA GLY A 49 3.37 0.81 -16.68
C GLY A 49 3.37 -0.47 -15.87
N LEU A 50 2.37 -0.65 -15.01
CA LEU A 50 2.30 -1.88 -14.21
C LEU A 50 1.76 -2.99 -15.10
N THR A 51 1.90 -4.22 -14.63
CA THR A 51 1.43 -5.40 -15.35
C THR A 51 0.31 -6.10 -14.59
N LEU A 52 -0.74 -6.52 -15.29
CA LEU A 52 -1.74 -7.41 -14.68
C LEU A 52 -1.16 -8.81 -14.42
N LEU A 53 -0.94 -9.15 -13.15
CA LEU A 53 -0.41 -10.46 -12.79
C LEU A 53 -1.49 -11.52 -12.93
N GLN A 54 -2.66 -11.23 -12.38
CA GLN A 54 -3.70 -12.25 -12.31
C GLN A 54 -5.04 -11.60 -12.13
N LYS A 55 -6.09 -12.25 -12.63
CA LYS A 55 -7.47 -11.83 -12.43
C LYS A 55 -8.16 -13.02 -11.77
N LEU A 56 -8.86 -12.77 -10.66
CA LEU A 56 -9.54 -13.87 -9.96
C LEU A 56 -10.99 -13.48 -9.82
N ASP A 57 -11.88 -14.42 -10.12
CA ASP A 57 -13.31 -14.11 -10.08
C ASP A 57 -13.98 -14.99 -9.03
N PHE A 58 -14.91 -14.40 -8.29
CA PHE A 58 -15.63 -15.10 -7.23
C PHE A 58 -17.11 -14.89 -7.43
N PRO A 59 -17.71 -15.67 -8.34
CA PRO A 59 -19.10 -15.47 -8.77
C PRO A 59 -20.09 -15.52 -7.61
N ALA A 60 -19.91 -16.44 -6.69
CA ALA A 60 -20.82 -16.57 -5.54
C ALA A 60 -20.86 -15.30 -4.69
N MET A 61 -19.74 -14.61 -4.66
CA MET A 61 -19.61 -13.41 -3.84
C MET A 61 -19.68 -12.14 -4.69
N LYS A 62 -19.77 -12.32 -6.01
CA LYS A 62 -19.94 -11.20 -6.93
C LYS A 62 -18.82 -10.15 -6.87
N PHE A 63 -17.57 -10.61 -6.84
CA PHE A 63 -16.45 -9.70 -6.99
C PHE A 63 -15.29 -10.33 -7.74
N SER A 64 -14.41 -9.48 -8.25
CA SER A 64 -13.19 -9.96 -8.88
C SER A 64 -12.02 -9.24 -8.25
N LEU A 65 -10.87 -9.87 -8.27
CA LEU A 65 -9.65 -9.25 -7.82
C LEU A 65 -8.69 -9.12 -8.98
N TYR A 66 -8.06 -7.96 -9.10
CA TYR A 66 -7.02 -7.76 -10.11
C TYR A 66 -5.72 -7.41 -9.43
N PHE A 67 -4.70 -8.20 -9.65
CA PHE A 67 -3.40 -7.93 -9.04
C PHE A 67 -2.46 -7.31 -10.04
N LEU A 68 -2.00 -6.10 -9.72
CA LEU A 68 -1.07 -5.35 -10.58
C LEU A 68 0.24 -5.15 -9.86
N ALA A 69 1.35 -5.17 -10.61
CA ALA A 69 2.66 -5.03 -10.01
C ALA A 69 3.69 -4.68 -11.09
N TYR A 70 4.81 -4.12 -10.70
CA TYR A 70 5.89 -3.91 -11.67
C TYR A 70 6.66 -5.22 -11.81
N GLU A 71 6.25 -6.02 -12.79
CA GLU A 71 6.84 -7.33 -13.00
C GLU A 71 6.81 -7.56 -14.51
N ASP A 72 7.74 -8.37 -15.01
CA ASP A 72 7.75 -8.73 -16.43
C ASP A 72 6.67 -9.77 -16.72
N LYS A 73 5.82 -9.51 -17.70
CA LYS A 73 4.73 -10.43 -17.99
C LYS A 73 5.23 -11.81 -18.43
N ASN A 74 6.42 -11.87 -19.02
CA ASN A 74 7.04 -13.15 -19.37
C ASN A 74 7.48 -13.96 -18.14
N ASP A 75 7.42 -13.34 -16.95
CA ASP A 75 7.75 -14.06 -15.72
C ASP A 75 6.52 -14.75 -15.12
N ILE A 76 5.33 -14.46 -15.63
CA ILE A 76 4.12 -15.00 -15.03
C ILE A 76 3.88 -16.45 -15.44
N PRO A 77 3.78 -17.36 -14.47
CA PRO A 77 3.43 -18.75 -14.78
C PRO A 77 2.08 -18.86 -15.47
N LYS A 78 1.99 -19.70 -16.50
CA LYS A 78 0.73 -19.93 -17.21
C LYS A 78 -0.29 -20.72 -16.38
N ASP A 79 0.18 -21.71 -15.61
CA ASP A 79 -0.72 -22.56 -14.84
C ASP A 79 -1.34 -21.84 -13.65
N LYS A 80 -2.66 -21.97 -13.49
CA LYS A 80 -3.40 -21.13 -12.55
C LYS A 80 -2.89 -21.28 -11.11
N SER A 81 -2.47 -22.48 -10.73
CA SER A 81 -1.98 -22.73 -9.37
C SER A 81 -0.59 -22.14 -9.17
N GLU A 82 0.30 -22.40 -10.10
CA GLU A 82 1.64 -21.82 -9.99
C GLU A 82 1.58 -20.29 -10.19
N LYS A 83 0.63 -19.81 -10.99
CA LYS A 83 0.44 -18.37 -11.14
C LYS A 83 0.04 -17.75 -9.81
N THR A 84 -0.89 -18.43 -9.13
CA THR A 84 -1.46 -17.91 -7.89
C THR A 84 -0.37 -17.83 -6.83
N ALA A 85 0.47 -18.86 -6.72
CA ALA A 85 1.51 -18.85 -5.69
C ALA A 85 2.61 -17.84 -6.01
N TRP A 86 2.83 -17.58 -7.29
CA TRP A 86 3.76 -16.54 -7.73
C TRP A 86 3.23 -15.13 -7.39
N THR A 87 2.03 -14.81 -7.89
CA THR A 87 1.39 -13.52 -7.61
C THR A 87 1.42 -13.15 -6.13
N PHE A 88 1.08 -14.11 -5.27
CA PHE A 88 0.92 -13.84 -3.83
C PHE A 88 2.24 -13.91 -3.06
N SER A 89 3.34 -14.09 -3.79
CA SER A 89 4.67 -14.06 -3.20
C SER A 89 5.50 -12.90 -3.77
N ARG A 90 4.89 -12.12 -4.67
CA ARG A 90 5.54 -10.90 -5.16
C ARG A 90 5.38 -9.77 -4.15
N LYS A 91 6.43 -8.96 -3.99
CA LYS A 91 6.38 -7.72 -3.23
C LYS A 91 5.66 -6.61 -3.96
N ALA A 92 4.98 -5.75 -3.20
CA ALA A 92 4.47 -4.51 -3.73
C ALA A 92 3.48 -4.70 -4.87
N THR A 93 2.46 -5.53 -4.66
CA THR A 93 1.38 -5.61 -5.63
C THR A 93 0.21 -4.72 -5.20
N LEU A 94 -0.65 -4.38 -6.18
CA LEU A 94 -1.90 -3.68 -5.88
C LEU A 94 -3.00 -4.70 -6.11
N GLU A 95 -3.85 -4.87 -5.11
CA GLU A 95 -5.02 -5.72 -5.28
C GLU A 95 -6.20 -4.80 -5.50
N LEU A 96 -6.71 -4.76 -6.72
CA LEU A 96 -7.83 -3.92 -7.04
C LEU A 96 -9.07 -4.78 -6.97
N THR A 97 -10.04 -4.34 -6.19
CA THR A 97 -11.23 -5.15 -5.92
C THR A 97 -12.45 -4.60 -6.64
N HIS A 98 -13.04 -5.42 -7.49
CA HIS A 98 -14.19 -4.99 -8.26
C HIS A 98 -15.43 -5.70 -7.74
N ASN A 99 -16.34 -4.94 -7.15
CA ASN A 99 -17.64 -5.44 -6.73
C ASN A 99 -18.55 -5.29 -7.95
N TRP A 100 -19.04 -6.40 -8.47
CA TRP A 100 -19.71 -6.41 -9.77
C TRP A 100 -20.87 -5.46 -9.85
N GLY A 101 -20.95 -4.70 -10.95
CA GLY A 101 -22.06 -3.80 -11.13
C GLY A 101 -21.79 -2.35 -10.80
N THR A 102 -20.74 -2.08 -10.03
CA THR A 102 -20.48 -0.69 -9.69
C THR A 102 -20.26 0.16 -10.94
N GLU A 103 -19.74 -0.44 -12.01
CA GLU A 103 -19.44 0.31 -13.24
C GLU A 103 -20.70 0.86 -13.89
N ASP A 104 -21.82 0.18 -13.68
CA ASP A 104 -23.09 0.61 -14.26
C ASP A 104 -23.86 1.59 -13.37
N ASP A 105 -23.43 1.75 -12.14
CA ASP A 105 -24.15 2.61 -11.20
C ASP A 105 -23.51 3.99 -11.32
N GLU A 106 -24.30 5.02 -11.64
CA GLU A 106 -23.68 6.31 -11.92
C GLU A 106 -23.66 7.18 -10.69
N THR A 107 -24.30 6.71 -9.63
CA THR A 107 -24.30 7.39 -8.35
C THR A 107 -23.34 6.74 -7.33
N GLN A 108 -22.57 5.75 -7.74
CA GLN A 108 -21.67 5.06 -6.81
C GLN A 108 -20.25 5.52 -7.06
N SER A 109 -19.52 5.80 -5.98
CA SER A 109 -18.08 5.99 -6.04
C SER A 109 -17.39 5.66 -4.72
N TYR A 110 -16.11 5.34 -4.80
CA TYR A 110 -15.36 5.05 -3.60
C TYR A 110 -14.73 6.31 -3.04
N HIS A 111 -14.37 6.26 -1.77
CA HIS A 111 -13.81 7.41 -1.08
C HIS A 111 -12.29 7.27 -1.01
N ASN A 112 -11.57 8.34 -1.31
CA ASN A 112 -10.11 8.24 -1.45
C ASN A 112 -9.34 8.41 -0.15
N GLY A 113 -10.04 8.70 0.94
CA GLY A 113 -9.39 8.77 2.25
C GLY A 113 -8.83 10.13 2.58
N ASN A 114 -8.89 11.07 1.62
CA ASN A 114 -8.31 12.39 1.84
C ASN A 114 -9.25 13.53 2.19
N SER A 115 -10.53 13.22 2.38
CA SER A 115 -11.44 14.17 2.99
C SER A 115 -12.20 13.42 4.07
N ASP A 116 -12.91 14.15 4.93
CA ASP A 116 -13.60 13.55 6.06
C ASP A 116 -14.49 12.42 5.55
N PRO A 117 -14.34 11.21 6.12
CA PRO A 117 -13.41 10.81 7.18
C PRO A 117 -12.07 10.31 6.61
N ARG A 118 -10.97 10.90 7.08
CA ARG A 118 -9.64 10.56 6.57
C ARG A 118 -9.10 9.25 7.14
N GLY A 119 -8.18 8.63 6.40
CA GLY A 119 -7.44 7.47 6.87
C GLY A 119 -6.28 7.20 5.92
N PHE A 120 -6.53 6.24 5.03
CA PHE A 120 -5.62 6.00 3.92
C PHE A 120 -5.30 7.30 3.21
N GLY A 121 -4.05 7.46 2.80
CA GLY A 121 -3.66 8.66 2.10
C GLY A 121 -3.42 8.45 0.62
N HIS A 122 -2.50 7.55 0.30
CA HIS A 122 -2.15 7.34 -1.10
C HIS A 122 -1.21 6.17 -1.23
N ILE A 123 -1.03 5.72 -2.47
CA ILE A 123 0.12 4.89 -2.79
C ILE A 123 1.14 5.84 -3.41
N GLY A 124 2.39 5.40 -3.53
CA GLY A 124 3.43 6.26 -4.04
C GLY A 124 4.39 5.51 -4.96
N ILE A 125 4.74 6.13 -6.07
CA ILE A 125 5.62 5.51 -7.05
C ILE A 125 6.92 6.29 -7.19
N ALA A 126 8.04 5.59 -7.10
CA ALA A 126 9.34 6.20 -7.30
C ALA A 126 9.70 6.09 -8.77
N VAL A 127 10.13 7.22 -9.34
CA VAL A 127 10.51 7.31 -10.74
C VAL A 127 11.86 7.99 -10.81
N PRO A 128 12.58 7.81 -11.94
CA PRO A 128 13.87 8.48 -12.05
C PRO A 128 13.72 9.99 -12.28
N ASP A 129 12.68 10.42 -12.97
CA ASP A 129 12.46 11.86 -13.18
C ASP A 129 11.00 12.29 -13.10
N VAL A 130 10.68 13.03 -12.05
CA VAL A 130 9.33 13.46 -11.77
C VAL A 130 8.82 14.38 -12.87
N TYR A 131 9.68 15.30 -13.31
CA TYR A 131 9.26 16.32 -14.26
C TYR A 131 8.97 15.70 -15.64
N SER A 132 9.82 14.78 -16.10
CA SER A 132 9.53 14.12 -17.38
C SER A 132 8.38 13.14 -17.24
N ALA A 133 8.30 12.48 -16.10
CA ALA A 133 7.17 11.57 -15.84
C ALA A 133 5.88 12.37 -15.88
N CYS A 134 5.87 13.54 -15.24
CA CYS A 134 4.64 14.32 -15.18
C CYS A 134 4.31 15.02 -16.49
N LYS A 135 5.33 15.32 -17.30
CA LYS A 135 5.05 15.88 -18.61
C LYS A 135 4.29 14.85 -19.41
N ARG A 136 4.75 13.60 -19.35
CA ARG A 136 4.07 12.52 -20.04
C ARG A 136 2.67 12.34 -19.46
N PHE A 137 2.56 12.29 -18.14
CA PHE A 137 1.24 12.21 -17.50
C PHE A 137 0.32 13.30 -18.02
N GLU A 138 0.82 14.53 -18.15
CA GLU A 138 0.00 15.62 -18.64
C GLU A 138 -0.46 15.38 -20.08
N GLU A 139 0.44 14.85 -20.90
CA GLU A 139 0.13 14.60 -22.31
C GLU A 139 -0.92 13.51 -22.46
N LEU A 140 -0.95 12.57 -21.51
CA LEU A 140 -1.94 11.50 -21.50
C LEU A 140 -3.28 11.87 -20.84
N GLY A 141 -3.45 13.13 -20.44
CA GLY A 141 -4.70 13.57 -19.85
C GLY A 141 -4.90 13.22 -18.38
N VAL A 142 -3.81 12.87 -17.70
CA VAL A 142 -3.85 12.51 -16.28
C VAL A 142 -4.28 13.70 -15.42
N LYS A 143 -5.18 13.45 -14.46
CA LYS A 143 -5.60 14.50 -13.54
C LYS A 143 -4.59 14.65 -12.41
N PHE A 144 -4.18 15.89 -12.15
CA PHE A 144 -3.22 16.14 -11.10
C PHE A 144 -3.90 16.69 -9.85
N VAL A 145 -3.43 16.22 -8.69
CA VAL A 145 -3.79 16.81 -7.41
C VAL A 145 -2.75 17.89 -7.09
N LYS A 146 -1.48 17.60 -7.36
CA LYS A 146 -0.39 18.54 -7.16
C LYS A 146 0.62 18.39 -8.31
N LYS A 147 0.82 19.45 -9.08
CA LYS A 147 1.85 19.48 -10.12
C LYS A 147 3.21 19.56 -9.44
N PRO A 148 4.26 19.08 -10.13
CA PRO A 148 5.56 18.94 -9.48
C PRO A 148 6.08 20.21 -8.81
N ASP A 149 5.92 21.36 -9.46
CA ASP A 149 6.40 22.63 -8.91
C ASP A 149 5.37 23.43 -8.10
N ASP A 150 4.14 22.92 -8.01
CA ASP A 150 3.10 23.56 -7.22
C ASP A 150 3.24 23.28 -5.71
N GLY A 151 2.93 24.28 -4.89
CA GLY A 151 2.99 24.11 -3.44
C GLY A 151 4.38 24.21 -2.84
N LYS A 152 4.47 23.92 -1.55
CA LYS A 152 5.74 24.02 -0.84
C LYS A 152 6.78 23.03 -1.35
N MET A 153 6.41 21.76 -1.36
CA MET A 153 7.35 20.71 -1.74
C MET A 153 7.54 20.69 -3.26
N LYS A 154 8.61 21.35 -3.71
CA LYS A 154 8.93 21.40 -5.13
C LYS A 154 9.55 20.07 -5.58
N GLY A 155 9.28 19.65 -6.80
CA GLY A 155 9.93 18.46 -7.32
C GLY A 155 9.18 17.18 -6.95
N LEU A 156 7.95 17.34 -6.48
CA LEU A 156 7.12 16.22 -6.03
C LEU A 156 5.66 16.38 -6.47
N ALA A 157 5.09 15.31 -7.01
CA ALA A 157 3.72 15.38 -7.55
C ALA A 157 2.72 14.40 -6.95
N PHE A 158 1.44 14.73 -7.06
CA PHE A 158 0.37 13.78 -6.78
C PHE A 158 -0.59 13.76 -7.97
N ILE A 159 -0.90 12.57 -8.46
CA ILE A 159 -1.91 12.40 -9.49
C ILE A 159 -3.07 11.57 -8.93
N GLN A 160 -4.15 11.47 -9.68
CA GLN A 160 -5.30 10.64 -9.27
C GLN A 160 -5.56 9.55 -10.27
N ASP A 161 -5.99 8.41 -9.76
CA ASP A 161 -6.41 7.33 -10.64
C ASP A 161 -7.87 7.49 -10.99
N PRO A 162 -8.41 6.56 -11.77
CA PRO A 162 -9.78 6.77 -12.22
C PRO A 162 -10.81 6.74 -11.10
N ASP A 163 -10.45 6.19 -9.94
CA ASP A 163 -11.34 6.24 -8.78
C ASP A 163 -11.14 7.46 -7.92
N GLY A 164 -10.06 8.19 -8.18
CA GLY A 164 -9.74 9.36 -7.38
C GLY A 164 -8.71 9.09 -6.30
N TYR A 165 -8.19 7.87 -6.24
CA TYR A 165 -7.12 7.63 -5.27
C TYR A 165 -5.91 8.47 -5.63
N TRP A 166 -5.24 9.00 -4.62
CA TRP A 166 -4.06 9.80 -4.86
C TRP A 166 -2.84 8.90 -5.03
N ILE A 167 -1.98 9.27 -5.96
CA ILE A 167 -0.74 8.55 -6.18
C ILE A 167 0.41 9.55 -6.14
N GLU A 168 1.31 9.37 -5.19
CA GLU A 168 2.47 10.23 -5.12
C GLU A 168 3.48 9.85 -6.20
N ILE A 169 4.05 10.86 -6.85
CA ILE A 169 5.10 10.62 -7.82
C ILE A 169 6.37 11.32 -7.30
N LEU A 170 7.43 10.54 -7.03
CA LEU A 170 8.63 11.07 -6.37
C LEU A 170 9.94 10.50 -6.93
N ASN A 171 11.01 11.27 -6.75
CA ASN A 171 12.36 10.87 -7.12
C ASN A 171 13.17 10.71 -5.85
N PRO A 172 13.54 9.46 -5.55
CA PRO A 172 14.22 9.09 -4.30
C PRO A 172 15.58 9.78 -4.14
N ASN A 173 16.21 10.11 -5.27
CA ASN A 173 17.51 10.76 -5.23
C ASN A 173 17.47 12.29 -5.10
N LYS A 174 16.28 12.87 -5.14
CA LYS A 174 16.12 14.32 -4.99
C LYS A 174 15.23 14.71 -3.81
N ILE A 175 14.52 13.73 -3.24
CA ILE A 175 13.73 13.97 -2.04
C ILE A 175 14.60 14.56 -0.94
N ALA A 176 15.86 14.14 -0.93
CA ALA A 176 16.85 14.67 0.01
C ALA A 176 16.89 16.21 -0.08
N THR A 177 16.75 16.73 -1.29
CA THR A 177 16.75 18.17 -1.50
C THR A 177 15.58 18.88 -0.81
N ILE A 178 14.35 18.41 -1.05
CA ILE A 178 13.17 19.13 -0.57
C ILE A 178 12.82 18.79 0.87
N ILE A 179 13.76 19.09 1.77
CA ILE A 179 13.71 18.75 3.20
C ILE A 179 12.68 17.68 3.60
N SER B 3 -25.12 -9.27 -11.52
CA SER B 3 -24.41 -9.05 -12.79
C SER B 3 -23.54 -10.24 -13.14
N SER B 4 -22.41 -9.99 -13.79
CA SER B 4 -21.47 -11.08 -14.04
C SER B 4 -19.96 -10.76 -14.18
N GLY B 5 -19.53 -9.53 -13.94
CA GLY B 5 -18.10 -9.25 -14.02
C GLY B 5 -17.51 -9.14 -15.43
N LEU B 6 -16.27 -8.65 -15.53
CA LEU B 6 -15.56 -8.66 -16.82
C LEU B 6 -15.14 -10.07 -17.21
N THR B 7 -15.26 -10.41 -18.50
CA THR B 7 -14.65 -11.64 -18.98
C THR B 7 -13.16 -11.40 -19.02
N ASP B 8 -12.38 -12.47 -19.10
CA ASP B 8 -10.93 -12.35 -19.27
C ASP B 8 -10.60 -11.54 -20.52
N GLU B 9 -11.34 -11.78 -21.60
CA GLU B 9 -11.06 -11.07 -22.86
C GLU B 9 -11.28 -9.56 -22.68
N THR B 10 -12.38 -9.17 -22.05
CA THR B 10 -12.59 -7.74 -21.77
C THR B 10 -11.49 -7.15 -20.90
N ALA B 11 -11.16 -7.84 -19.81
CA ALA B 11 -10.12 -7.35 -18.90
C ALA B 11 -8.77 -7.24 -19.61
N PHE B 12 -8.36 -8.33 -20.25
CA PHE B 12 -7.04 -8.38 -20.84
C PHE B 12 -6.94 -7.34 -21.99
N SER B 13 -8.05 -7.07 -22.65
CA SER B 13 -8.06 -6.15 -23.79
C SER B 13 -7.84 -4.71 -23.33
N CYS B 14 -8.08 -4.45 -22.04
CA CYS B 14 -7.84 -3.12 -21.49
C CYS B 14 -6.41 -2.92 -20.98
N CYS B 15 -5.58 -3.95 -21.14
CA CYS B 15 -4.22 -3.86 -20.61
C CYS B 15 -3.27 -3.51 -21.74
N SER B 16 -2.48 -2.45 -21.55
CA SER B 16 -1.46 -2.07 -22.53
C SER B 16 -0.12 -2.60 -22.06
N ASP B 17 0.78 -2.88 -22.98
CA ASP B 17 2.16 -3.15 -22.60
C ASP B 17 2.75 -1.86 -22.05
N PRO B 18 3.70 -1.97 -21.11
CA PRO B 18 4.32 -0.80 -20.48
C PRO B 18 5.10 0.08 -21.46
N ASP B 19 5.01 1.40 -21.31
CA ASP B 19 5.84 2.31 -22.09
C ASP B 19 7.24 2.27 -21.48
N PRO B 20 8.27 2.23 -22.34
CA PRO B 20 9.66 2.21 -21.87
C PRO B 20 10.00 3.35 -20.92
N SER B 21 9.32 4.48 -21.02
CA SER B 21 9.62 5.57 -20.08
C SER B 21 9.25 5.21 -18.64
N THR B 22 8.48 4.13 -18.47
CA THR B 22 8.02 3.70 -17.15
C THR B 22 8.89 2.58 -16.59
N LYS B 23 9.95 2.24 -17.33
CA LYS B 23 10.71 1.01 -17.05
C LYS B 23 11.36 0.94 -15.67
N ASP B 24 11.77 2.08 -15.12
CA ASP B 24 12.44 2.11 -13.82
C ASP B 24 11.48 2.54 -12.70
N PHE B 25 10.18 2.59 -12.99
CA PHE B 25 9.21 2.97 -11.94
C PHE B 25 9.15 1.86 -10.88
N LEU B 26 8.93 2.22 -9.62
CA LEU B 26 8.64 1.16 -8.64
C LEU B 26 7.56 1.57 -7.63
N LEU B 27 6.84 0.58 -7.13
CA LEU B 27 5.73 0.85 -6.20
C LEU B 27 6.35 0.93 -4.81
N GLN B 28 6.53 2.15 -4.33
CA GLN B 28 7.42 2.45 -3.20
C GLN B 28 6.75 2.57 -1.84
N GLN B 29 5.49 2.99 -1.82
CA GLN B 29 4.86 3.25 -0.53
C GLN B 29 3.33 3.19 -0.53
N THR B 30 2.79 2.88 0.64
CA THR B 30 1.39 3.06 0.96
C THR B 30 1.33 3.94 2.19
N MET B 31 0.58 5.04 2.11
CA MET B 31 0.49 5.98 3.23
C MET B 31 -0.78 5.79 4.03
N LEU B 32 -0.64 5.69 5.34
CA LEU B 32 -1.78 5.63 6.25
C LEU B 32 -1.55 6.65 7.35
N ARG B 33 -2.61 7.34 7.75
CA ARG B 33 -2.53 8.27 8.87
C ARG B 33 -2.69 7.50 10.17
N ILE B 34 -1.83 7.82 11.14
CA ILE B 34 -1.86 7.13 12.42
C ILE B 34 -2.04 8.09 13.59
N LYS B 35 -2.92 7.71 14.52
CA LYS B 35 -3.28 8.50 15.71
C LYS B 35 -2.14 8.59 16.71
N ASP B 36 -1.45 7.49 16.95
CA ASP B 36 -0.42 7.42 17.99
C ASP B 36 0.78 6.61 17.49
N PRO B 37 1.88 7.32 17.19
CA PRO B 37 3.11 6.77 16.63
C PRO B 37 3.80 5.80 17.58
N LYS B 38 3.49 5.92 18.86
CA LYS B 38 4.04 5.02 19.86
C LYS B 38 3.42 3.62 19.73
N LYS B 39 2.10 3.54 19.75
CA LYS B 39 1.42 2.26 19.53
C LYS B 39 1.79 1.67 18.15
N SER B 40 1.85 2.53 17.14
CA SER B 40 2.09 2.06 15.78
C SER B 40 3.50 1.53 15.53
N LEU B 41 4.54 2.25 15.94
CA LEU B 41 5.89 1.75 15.75
C LEU B 41 6.06 0.44 16.49
N ASP B 42 5.49 0.35 17.69
CA ASP B 42 5.55 -0.87 18.46
C ASP B 42 4.83 -2.01 17.73
N PHE B 43 3.64 -1.73 17.23
CA PHE B 43 2.88 -2.74 16.50
C PHE B 43 3.64 -3.22 15.28
N TYR B 44 4.02 -2.30 14.41
CA TYR B 44 4.65 -2.69 13.15
C TYR B 44 6.06 -3.26 13.27
N THR B 45 6.88 -2.75 14.21
CA THR B 45 8.24 -3.29 14.34
C THR B 45 8.21 -4.62 15.08
N ARG B 46 7.60 -4.62 16.25
CA ARG B 46 7.68 -5.77 17.14
C ARG B 46 6.71 -6.91 16.78
N VAL B 47 5.44 -6.58 16.51
CA VAL B 47 4.48 -7.62 16.13
C VAL B 47 4.72 -8.11 14.70
N LEU B 48 4.84 -7.17 13.78
CA LEU B 48 4.93 -7.52 12.37
C LEU B 48 6.34 -7.68 11.85
N GLY B 49 7.33 -7.19 12.59
CA GLY B 49 8.72 -7.40 12.19
C GLY B 49 9.28 -6.47 11.13
N LEU B 50 8.61 -5.34 10.89
CA LEU B 50 9.12 -4.38 9.93
C LEU B 50 10.25 -3.57 10.56
N THR B 51 11.01 -2.88 9.74
CA THR B 51 12.06 -2.02 10.25
C THR B 51 11.72 -0.57 9.96
N LEU B 52 11.86 0.29 10.97
CA LEU B 52 11.79 1.73 10.74
C LEU B 52 13.02 2.21 9.99
N LEU B 53 12.83 2.56 8.71
CA LEU B 53 13.92 3.02 7.88
C LEU B 53 14.28 4.43 8.30
N GLN B 54 13.27 5.28 8.41
CA GLN B 54 13.53 6.69 8.60
C GLN B 54 12.37 7.42 9.24
N LYS B 55 12.70 8.53 9.89
CA LYS B 55 11.73 9.42 10.48
C LYS B 55 11.92 10.84 9.98
N LEU B 56 10.82 11.47 9.60
CA LEU B 56 10.86 12.82 9.08
C LEU B 56 9.85 13.68 9.83
N ASP B 57 10.29 14.89 10.19
CA ASP B 57 9.46 15.82 10.95
C ASP B 57 9.24 17.10 10.15
N PHE B 58 8.03 17.66 10.21
CA PHE B 58 7.74 18.92 9.53
C PHE B 58 7.08 19.89 10.50
N PRO B 59 7.90 20.53 11.36
CA PRO B 59 7.41 21.35 12.47
C PRO B 59 6.48 22.46 11.96
N ALA B 60 6.84 23.05 10.83
CA ALA B 60 6.06 24.13 10.27
C ALA B 60 4.62 23.69 10.00
N MET B 61 4.46 22.43 9.59
CA MET B 61 3.15 21.89 9.27
C MET B 61 2.64 20.94 10.35
N LYS B 62 3.46 20.74 11.39
CA LYS B 62 3.09 19.93 12.56
C LYS B 62 2.75 18.47 12.24
N PHE B 63 3.59 17.83 11.43
CA PHE B 63 3.44 16.39 11.22
C PHE B 63 4.78 15.69 11.06
N SER B 64 4.76 14.37 11.27
CA SER B 64 5.96 13.54 11.08
C SER B 64 5.58 12.36 10.18
N LEU B 65 6.56 11.89 9.41
CA LEU B 65 6.39 10.69 8.60
C LEU B 65 7.33 9.61 9.11
N TYR B 66 6.81 8.39 9.25
CA TYR B 66 7.59 7.23 9.65
C TYR B 66 7.57 6.20 8.53
N PHE B 67 8.74 5.79 8.05
CA PHE B 67 8.81 4.82 6.97
C PHE B 67 9.22 3.44 7.46
N LEU B 68 8.34 2.46 7.26
CA LEU B 68 8.63 1.10 7.68
C LEU B 68 8.69 0.15 6.50
N ALA B 69 9.58 -0.83 6.59
CA ALA B 69 9.73 -1.79 5.51
C ALA B 69 10.43 -3.05 6.02
N TYR B 70 10.24 -4.15 5.30
CA TYR B 70 10.99 -5.35 5.62
C TYR B 70 12.37 -5.23 4.98
N GLU B 71 13.33 -4.74 5.74
CA GLU B 71 14.68 -4.53 5.23
C GLU B 71 15.66 -4.76 6.38
N ASP B 72 16.86 -5.23 6.05
CA ASP B 72 17.87 -5.40 7.10
C ASP B 72 18.35 -4.02 7.49
N LYS B 73 18.33 -3.71 8.78
CA LYS B 73 18.76 -2.39 9.25
C LYS B 73 20.23 -2.12 8.93
N ASN B 74 21.02 -3.19 8.90
CA ASN B 74 22.45 -3.07 8.55
C ASN B 74 22.63 -2.63 7.10
N ASP B 75 21.53 -2.60 6.35
CA ASP B 75 21.55 -2.12 4.98
C ASP B 75 21.31 -0.61 4.89
N ILE B 76 20.89 0.00 5.99
CA ILE B 76 20.51 1.41 5.96
C ILE B 76 21.76 2.28 5.95
N PRO B 77 21.85 3.20 4.98
CA PRO B 77 23.00 4.11 4.98
C PRO B 77 23.07 4.87 6.29
N LYS B 78 24.27 4.94 6.87
CA LYS B 78 24.50 5.59 8.15
C LYS B 78 24.35 7.11 8.07
N ASP B 79 24.93 7.70 7.03
CA ASP B 79 24.89 9.15 6.87
C ASP B 79 23.51 9.60 6.38
N LYS B 80 22.99 10.65 7.02
CA LYS B 80 21.59 11.04 6.91
C LYS B 80 21.04 11.35 5.51
N SER B 81 21.92 11.78 4.60
CA SER B 81 21.48 12.17 3.27
C SER B 81 21.17 10.98 2.34
N GLU B 82 22.14 10.09 2.18
CA GLU B 82 22.00 8.91 1.32
C GLU B 82 21.02 7.88 1.86
N LYS B 83 20.79 7.94 3.16
CA LYS B 83 19.78 7.13 3.82
C LYS B 83 18.41 7.42 3.23
N THR B 84 18.14 8.70 3.01
CA THR B 84 16.84 9.13 2.50
C THR B 84 16.61 8.58 1.12
N ALA B 85 17.63 8.62 0.28
CA ALA B 85 17.50 8.17 -1.10
C ALA B 85 17.37 6.65 -1.17
N TRP B 86 17.93 5.97 -0.17
CA TRP B 86 17.78 4.53 -0.02
C TRP B 86 16.33 4.21 0.34
N THR B 87 15.87 4.79 1.45
CA THR B 87 14.49 4.65 1.91
C THR B 87 13.45 4.82 0.79
N PHE B 88 13.63 5.86 -0.01
CA PHE B 88 12.64 6.21 -1.01
C PHE B 88 12.85 5.45 -2.31
N SER B 89 13.80 4.50 -2.29
CA SER B 89 14.03 3.62 -3.43
C SER B 89 13.75 2.16 -3.10
N ARG B 90 13.34 1.90 -1.85
CA ARG B 90 12.92 0.55 -1.45
C ARG B 90 11.49 0.29 -1.95
N LYS B 91 11.25 -0.93 -2.39
CA LYS B 91 9.90 -1.37 -2.72
C LYS B 91 9.08 -1.61 -1.46
N ALA B 92 7.76 -1.36 -1.54
CA ALA B 92 6.83 -1.81 -0.51
C ALA B 92 7.11 -1.26 0.89
N THR B 93 7.26 0.06 1.03
CA THR B 93 7.36 0.62 2.36
C THR B 93 5.98 1.10 2.81
N LEU B 94 5.83 1.29 4.11
CA LEU B 94 4.64 1.92 4.67
C LEU B 94 5.05 3.28 5.20
N GLU B 95 4.35 4.32 4.73
CA GLU B 95 4.53 5.67 5.25
C GLU B 95 3.42 5.94 6.23
N LEU B 96 3.77 6.05 7.51
CA LEU B 96 2.79 6.35 8.52
C LEU B 96 2.84 7.85 8.82
N THR B 97 1.69 8.52 8.76
CA THR B 97 1.61 9.97 8.90
C THR B 97 1.00 10.33 10.23
N HIS B 98 1.77 11.01 11.07
CA HIS B 98 1.30 11.40 12.39
C HIS B 98 1.04 12.89 12.39
N ASN B 99 -0.21 13.27 12.57
CA ASN B 99 -0.57 14.68 12.73
C ASN B 99 -0.57 14.99 14.22
N TRP B 100 0.33 15.87 14.63
CA TRP B 100 0.62 16.10 16.04
C TRP B 100 -0.62 16.46 16.85
N GLY B 101 -0.77 15.80 17.98
CA GLY B 101 -1.88 16.05 18.88
C GLY B 101 -3.02 15.07 18.86
N THR B 102 -3.16 14.30 17.77
CA THR B 102 -4.27 13.34 17.70
C THR B 102 -4.19 12.31 18.82
N GLU B 103 -2.96 12.01 19.26
CA GLU B 103 -2.74 10.99 20.29
C GLU B 103 -3.36 11.36 21.64
N ASP B 104 -3.45 12.66 21.92
CA ASP B 104 -4.02 13.14 23.18
C ASP B 104 -5.53 13.27 23.08
N ASP B 105 -6.07 13.22 21.86
CA ASP B 105 -7.50 13.43 21.63
C ASP B 105 -8.30 12.12 21.62
N GLU B 106 -9.39 12.08 22.40
CA GLU B 106 -10.17 10.86 22.56
C GLU B 106 -11.41 10.91 21.66
N THR B 107 -11.62 12.05 21.00
CA THR B 107 -12.77 12.20 20.11
C THR B 107 -12.33 11.99 18.67
N GLN B 108 -11.06 11.63 18.50
CA GLN B 108 -10.50 11.44 17.17
C GLN B 108 -10.14 9.98 16.88
N SER B 109 -10.51 9.51 15.70
CA SER B 109 -9.95 8.28 15.14
C SER B 109 -10.00 8.35 13.62
N TYR B 110 -9.11 7.61 12.98
CA TYR B 110 -9.10 7.59 11.52
C TYR B 110 -10.02 6.51 10.99
N HIS B 111 -10.37 6.62 9.71
CA HIS B 111 -11.32 5.71 9.10
C HIS B 111 -10.57 4.66 8.29
N ASN B 112 -10.93 3.39 8.47
CA ASN B 112 -10.15 2.30 7.92
C ASN B 112 -10.53 1.91 6.49
N GLY B 113 -11.58 2.55 5.96
CA GLY B 113 -11.96 2.35 4.58
C GLY B 113 -12.91 1.17 4.37
N ASN B 114 -13.23 0.44 5.44
CA ASN B 114 -14.07 -0.75 5.27
C ASN B 114 -15.53 -0.62 5.69
N SER B 115 -15.94 0.56 6.12
CA SER B 115 -17.37 0.85 6.26
C SER B 115 -17.63 2.13 5.53
N ASP B 116 -18.90 2.44 5.29
CA ASP B 116 -19.26 3.60 4.49
C ASP B 116 -18.60 4.84 5.07
N PRO B 117 -17.91 5.61 4.22
CA PRO B 117 -17.73 5.40 2.79
C PRO B 117 -16.49 4.54 2.50
N ARG B 118 -16.66 3.46 1.77
CA ARG B 118 -15.56 2.54 1.50
C ARG B 118 -14.61 3.03 0.42
N GLY B 119 -13.37 2.54 0.50
CA GLY B 119 -12.34 2.80 -0.50
C GLY B 119 -11.17 1.85 -0.29
N PHE B 120 -10.11 2.33 0.36
CA PHE B 120 -9.02 1.49 0.84
C PHE B 120 -9.53 0.29 1.62
N GLY B 121 -8.94 -0.86 1.42
CA GLY B 121 -9.35 -2.05 2.16
C GLY B 121 -8.39 -2.51 3.22
N HIS B 122 -7.14 -2.78 2.83
CA HIS B 122 -6.15 -3.28 3.76
C HIS B 122 -4.78 -3.32 3.09
N ILE B 123 -3.76 -3.50 3.90
CA ILE B 123 -2.47 -3.99 3.41
C ILE B 123 -2.43 -5.48 3.67
N GLY B 124 -1.48 -6.17 3.05
CA GLY B 124 -1.41 -7.62 3.16
C GLY B 124 0.02 -8.10 3.30
N ILE B 125 0.23 -9.05 4.20
CA ILE B 125 1.58 -9.56 4.49
C ILE B 125 1.60 -11.04 4.11
N ALA B 126 2.58 -11.44 3.31
CA ALA B 126 2.72 -12.85 2.95
C ALA B 126 3.61 -13.46 3.99
N VAL B 127 3.21 -14.61 4.54
CA VAL B 127 3.99 -15.28 5.58
C VAL B 127 4.15 -16.77 5.26
N PRO B 128 5.18 -17.41 5.84
CA PRO B 128 5.43 -18.83 5.57
C PRO B 128 4.41 -19.76 6.21
N ASP B 129 3.87 -19.39 7.37
CA ASP B 129 2.85 -20.20 8.02
C ASP B 129 1.83 -19.32 8.73
N VAL B 130 0.61 -19.29 8.20
CA VAL B 130 -0.42 -18.40 8.72
C VAL B 130 -0.82 -18.80 10.13
N TYR B 131 -0.91 -20.10 10.37
CA TYR B 131 -1.40 -20.56 11.67
C TYR B 131 -0.42 -20.25 12.81
N SER B 132 0.88 -20.43 12.59
CA SER B 132 1.85 -20.08 13.65
C SER B 132 1.99 -18.57 13.80
N ALA B 133 1.90 -17.84 12.68
CA ALA B 133 1.97 -16.39 12.76
C ALA B 133 0.85 -15.89 13.63
N CYS B 134 -0.35 -16.42 13.41
CA CYS B 134 -1.51 -15.95 14.13
C CYS B 134 -1.48 -16.43 15.57
N LYS B 135 -0.82 -17.57 15.79
CA LYS B 135 -0.63 -18.04 17.14
C LYS B 135 0.22 -17.03 17.88
N ARG B 136 1.30 -16.60 17.25
CA ARG B 136 2.15 -15.60 17.88
C ARG B 136 1.37 -14.32 18.09
N PHE B 137 0.65 -13.86 17.05
CA PHE B 137 -0.23 -12.69 17.18
C PHE B 137 -1.21 -12.78 18.36
N GLU B 138 -1.83 -13.94 18.54
CA GLU B 138 -2.79 -14.13 19.63
C GLU B 138 -2.06 -13.94 20.95
N GLU B 139 -0.83 -14.46 20.98
CA GLU B 139 -0.01 -14.41 22.19
C GLU B 139 0.42 -13.00 22.56
N LEU B 140 0.63 -12.13 21.56
CA LEU B 140 0.95 -10.72 21.85
C LEU B 140 -0.27 -9.84 22.10
N GLY B 141 -1.47 -10.41 22.09
CA GLY B 141 -2.68 -9.62 22.29
C GLY B 141 -3.24 -8.92 21.05
N VAL B 142 -2.85 -9.38 19.86
CA VAL B 142 -3.34 -8.77 18.62
C VAL B 142 -4.86 -8.92 18.40
N LYS B 143 -5.52 -7.83 17.99
CA LYS B 143 -6.95 -7.89 17.66
C LYS B 143 -7.21 -8.44 16.26
N PHE B 144 -8.12 -9.40 16.17
CA PHE B 144 -8.44 -10.06 14.91
C PHE B 144 -9.75 -9.55 14.33
N VAL B 145 -9.79 -9.43 13.00
CA VAL B 145 -11.04 -9.20 12.27
C VAL B 145 -11.58 -10.54 11.80
N LYS B 146 -10.67 -11.38 11.31
CA LYS B 146 -11.01 -12.72 10.83
C LYS B 146 -9.90 -13.69 11.23
N LYS B 147 -10.24 -14.69 12.05
CA LYS B 147 -9.30 -15.77 12.37
C LYS B 147 -9.12 -16.68 11.15
N PRO B 148 -7.96 -17.35 11.08
CA PRO B 148 -7.56 -18.12 9.89
C PRO B 148 -8.60 -19.17 9.48
N ASP B 149 -9.24 -19.84 10.44
CA ASP B 149 -10.26 -20.85 10.14
C ASP B 149 -11.66 -20.26 10.12
N ASP B 150 -11.78 -18.97 10.40
CA ASP B 150 -13.09 -18.33 10.36
C ASP B 150 -13.52 -18.03 8.92
N GLY B 151 -14.78 -18.29 8.60
CA GLY B 151 -15.31 -18.07 7.25
C GLY B 151 -14.95 -19.13 6.22
N LYS B 152 -15.35 -18.89 4.98
CA LYS B 152 -15.14 -19.81 3.86
C LYS B 152 -13.66 -19.97 3.56
N MET B 153 -12.97 -18.85 3.42
CA MET B 153 -11.55 -18.86 3.07
C MET B 153 -10.69 -19.23 4.27
N LYS B 154 -10.41 -20.52 4.40
CA LYS B 154 -9.60 -21.03 5.50
C LYS B 154 -8.12 -20.76 5.25
N GLY B 155 -7.35 -20.53 6.31
CA GLY B 155 -5.91 -20.40 6.15
C GLY B 155 -5.49 -19.00 5.80
N LEU B 156 -6.41 -18.06 6.01
CA LEU B 156 -6.17 -16.67 5.66
C LEU B 156 -6.74 -15.81 6.80
N ALA B 157 -5.96 -14.85 7.29
CA ALA B 157 -6.39 -14.07 8.45
C ALA B 157 -6.42 -12.58 8.20
N PHE B 158 -7.23 -11.85 8.97
CA PHE B 158 -7.16 -10.39 9.02
C PHE B 158 -7.01 -9.95 10.47
N ILE B 159 -6.03 -9.11 10.72
CA ILE B 159 -5.84 -8.51 12.02
C ILE B 159 -6.02 -6.98 11.86
N GLN B 160 -6.07 -6.26 12.99
CA GLN B 160 -6.20 -4.80 13.01
C GLN B 160 -4.95 -4.17 13.59
N ASP B 161 -4.53 -3.04 13.06
CA ASP B 161 -3.45 -2.30 13.70
C ASP B 161 -4.01 -1.36 14.77
N PRO B 162 -3.15 -0.58 15.43
CA PRO B 162 -3.69 0.19 16.55
C PRO B 162 -4.68 1.27 16.13
N ASP B 163 -4.69 1.61 14.84
CA ASP B 163 -5.66 2.56 14.32
C ASP B 163 -6.93 1.89 13.81
N GLY B 164 -6.91 0.57 13.71
CA GLY B 164 -8.05 -0.14 13.18
C GLY B 164 -7.93 -0.51 11.70
N TYR B 165 -6.79 -0.19 11.07
CA TYR B 165 -6.58 -0.63 9.69
C TYR B 165 -6.48 -2.14 9.59
N TRP B 166 -7.04 -2.71 8.54
CA TRP B 166 -6.97 -4.16 8.37
C TRP B 166 -5.67 -4.58 7.71
N ILE B 167 -5.10 -5.69 8.20
CA ILE B 167 -3.87 -6.25 7.64
C ILE B 167 -4.16 -7.72 7.36
N GLU B 168 -4.11 -8.09 6.08
CA GLU B 168 -4.30 -9.48 5.69
C GLU B 168 -3.06 -10.27 5.94
N ILE B 169 -3.25 -11.49 6.45
CA ILE B 169 -2.14 -12.39 6.71
C ILE B 169 -2.36 -13.65 5.86
N LEU B 170 -1.44 -13.93 4.94
CA LEU B 170 -1.65 -14.99 3.96
C LEU B 170 -0.40 -15.79 3.64
N ASN B 171 -0.60 -17.02 3.17
CA ASN B 171 0.51 -17.90 2.76
C ASN B 171 0.34 -18.15 1.29
N PRO B 172 1.29 -17.66 0.49
CA PRO B 172 1.19 -17.75 -0.97
C PRO B 172 1.08 -19.19 -1.48
N ASN B 173 1.57 -20.16 -0.72
CA ASN B 173 1.50 -21.56 -1.14
C ASN B 173 0.17 -22.24 -0.75
N LYS B 174 -0.68 -21.55 0.00
CA LYS B 174 -1.94 -22.15 0.44
C LYS B 174 -3.16 -21.43 -0.14
N ILE B 175 -2.94 -20.21 -0.65
CA ILE B 175 -3.99 -19.51 -1.38
C ILE B 175 -4.45 -20.32 -2.58
N ALA B 176 -3.50 -20.96 -3.25
CA ALA B 176 -3.82 -21.78 -4.42
C ALA B 176 -4.89 -22.81 -4.08
N THR B 177 -4.77 -23.40 -2.90
CA THR B 177 -5.79 -24.31 -2.37
C THR B 177 -7.09 -23.56 -2.04
N ILE B 178 -6.95 -22.36 -1.48
CA ILE B 178 -8.09 -21.65 -0.88
C ILE B 178 -8.99 -21.02 -1.95
N ILE B 179 -8.40 -20.31 -2.91
CA ILE B 179 -9.11 -19.56 -3.96
C ILE B 179 -10.61 -19.30 -3.74
ZN ZN C . -6.26 -8.70 0.10
ZN ZN D . 3.70 9.73 0.65
N E1L E . -15.20 -7.80 4.16
C E1L E . -19.20 -4.30 0.02
O E1L E . -18.40 -3.96 1.14
C01 E1L E . -15.66 -14.89 10.09
C02 E1L E . -14.76 -15.14 8.95
C03 E1L E . -14.34 -14.05 8.03
C04 E1L E . -14.86 -12.62 8.27
C05 E1L E . -15.74 -12.38 9.38
C06 E1L E . -16.17 -13.52 10.33
C07 E1L E . -14.65 -11.43 7.58
C08 E1L E . -15.41 -10.42 8.30
N01 E1L E . -16.07 -11.00 9.37
C09 E1L E . -13.81 -10.99 6.36
C10 E1L E . -13.84 -9.59 5.98
N02 E1L E . -14.94 -8.85 6.43
C11 E1L E . -15.39 -8.98 7.74
C12 E1L E . -15.61 -7.97 5.51
S E1L E . -16.98 -7.09 5.92
C13 E1L E . -15.99 -6.89 3.41
C14 E1L E . -17.04 -7.42 2.46
C15 E1L E . -17.88 -6.43 1.67
C16 E1L E . -17.65 -4.94 1.84
C17 E1L E . -16.60 -4.42 2.81
C18 E1L E . -15.78 -5.40 3.60
F01 E1L E . -19.24 -3.20 -0.76
F02 E1L E . -18.69 -5.31 -0.69
F E1L E . -20.44 -4.65 0.42
H12 E1L E . -14.49 -8.23 3.81
H01 E1L E . -15.93 -15.63 10.69
H02 E1L E . -14.41 -16.04 8.80
H03 E1L E . -13.73 -14.23 7.29
H04 E1L E . -16.77 -13.33 11.07
H05 E1L E . -16.63 -10.57 9.96
H06 E1L E . -14.08 -11.52 5.58
H07 E1L E . -12.87 -11.21 6.57
H09 E1L E . -13.90 -9.59 5.00
H08 E1L E . -12.99 -9.15 6.23
H10 E1L E . -14.88 -8.39 8.33
H11 E1L E . -16.32 -8.68 7.73
H13 E1L E . -17.17 -8.38 2.35
H14 E1L E . -18.56 -6.76 1.05
H15 E1L E . -16.46 -3.47 2.92
H E1L E . -15.08 -5.08 4.22
#